data_3P20
#
_entry.id   3P20
#
_cell.length_a   127.550
_cell.length_b   127.550
_cell.length_c   104.064
_cell.angle_alpha   90.000
_cell.angle_beta   90.000
_cell.angle_gamma   90.000
#
_symmetry.space_group_name_H-M   'P 43 21 2'
#
loop_
_entity.id
_entity.type
_entity.pdbx_description
1 polymer 'V-type ATP synthase alpha chain'
2 non-polymer 'VANADATE ION'
3 non-polymer 'ACETIC ACID'
4 non-polymer (4S)-2-METHYL-2,4-PENTANEDIOL
5 non-polymer 2-AMINO-2-HYDROXYMETHYL-PROPANE-1,3-DIOL
6 water water
#
_entity_poly.entity_id   1
_entity_poly.type   'polypeptide(L)'
_entity_poly.pdbx_seq_one_letter_code
;MVAKGRIIRVTGPLVVADGMKGAKMYEVVRVGELGLIGEIIRLEGDKAVIQVYEETAGVRPGEPVVGTGASLSVELGPRL
LTSIYDGIQRPLEVIREKTGDFIARGVTAPALPRDKKWHFIPKAKVGDKVVGGDIIGEVPETSIIVHKIMVPPGIEGEIV
EIAEEGDYTIEEVIAKVKTPSGEIKELKMYQRWPVRVKRPYKEKLPPEVPLITGQRVIDTFFPQAKGGTAAIPGPFGSGK
TVTQHQLAKWSDAQVVIYIGCGERGNEMTDVLEEFPKLKDPKTGKPLMERTVLIANTSNMPVAAREASIYTGITIAEYFR
DMGYDVALMADSTSRWAEALREISGRLEEMPGEEGYPAYLASKLAEFYERAGRVVTLGSDYRVGSVSVIGAVSPPGGDFS
EPVVQNTLRVVKVFWALDADLARRRHFPAINWLTSYSLYVDAVKDWWHKNIDPEWKAMRDKAMALLQKESELQEIVRIVG
PDALPERERAILLVARMLREDYLQQDAFDEVDTYCPPEKQVTMMRVLLNFYDKTMEAINRGVPLEEIAKLPVREEIGRMK
FERDVSKIRSLIDKTNEQFEELFKKYGA
;
_entity_poly.pdbx_strand_id   A
#
# COMPACT_ATOMS: atom_id res chain seq x y z
N GLY A 62 -18.58 5.95 -28.91
CA GLY A 62 -19.40 5.36 -30.01
C GLY A 62 -20.45 4.38 -29.53
N GLU A 63 -21.45 4.89 -28.81
CA GLU A 63 -22.52 4.07 -28.22
C GLU A 63 -23.65 4.99 -27.70
N PRO A 64 -24.80 4.43 -27.27
CA PRO A 64 -25.89 5.30 -26.79
C PRO A 64 -25.70 6.06 -25.46
N VAL A 65 -26.84 6.35 -24.81
CA VAL A 65 -26.98 7.45 -23.85
C VAL A 65 -27.17 7.03 -22.37
N VAL A 66 -28.05 6.05 -22.13
CA VAL A 66 -28.50 5.59 -20.78
C VAL A 66 -27.56 5.85 -19.57
N GLY A 67 -27.86 6.95 -18.86
CA GLY A 67 -27.12 7.31 -17.64
C GLY A 67 -25.75 7.91 -17.89
N THR A 68 -24.72 7.18 -17.45
CA THR A 68 -23.35 7.71 -17.38
C THR A 68 -22.52 7.56 -18.67
N GLY A 69 -22.70 8.53 -19.58
CA GLY A 69 -21.82 8.70 -20.74
C GLY A 69 -21.90 7.56 -21.73
N ALA A 70 -20.90 7.44 -22.62
CA ALA A 70 -20.86 6.34 -23.60
C ALA A 70 -20.51 4.97 -22.94
N SER A 71 -19.95 4.02 -23.70
CA SER A 71 -19.44 2.77 -23.09
C SER A 71 -18.51 3.00 -21.87
N LEU A 72 -17.32 3.59 -22.10
CA LEU A 72 -16.35 4.09 -21.07
C LEU A 72 -15.53 3.03 -20.29
N SER A 73 -14.61 2.39 -21.01
CA SER A 73 -14.17 1.09 -20.61
C SER A 73 -12.67 1.02 -20.57
N VAL A 74 -12.16 -0.17 -20.23
CA VAL A 74 -10.73 -0.45 -20.22
C VAL A 74 -10.52 -1.89 -20.65
N GLU A 75 -9.38 -2.15 -21.27
CA GLU A 75 -9.02 -3.47 -21.77
C GLU A 75 -8.05 -4.10 -20.81
N LEU A 76 -8.24 -5.38 -20.53
CA LEU A 76 -7.56 -6.02 -19.43
C LEU A 76 -7.02 -7.33 -19.90
N GLY A 77 -5.70 -7.45 -19.95
CA GLY A 77 -5.07 -8.62 -20.54
C GLY A 77 -3.60 -8.30 -20.64
N PRO A 78 -2.82 -9.17 -21.31
CA PRO A 78 -1.37 -9.01 -21.39
C PRO A 78 -0.91 -7.62 -21.85
N ARG A 79 0.24 -7.17 -21.31
CA ARG A 79 0.81 -5.83 -21.50
C ARG A 79 0.02 -4.64 -20.95
N LEU A 80 -0.60 -4.88 -19.80
CA LEU A 80 -0.98 -3.79 -18.92
C LEU A 80 0.27 -3.47 -18.10
N LEU A 81 0.91 -4.56 -17.62
CA LEU A 81 2.20 -4.51 -16.97
C LEU A 81 3.22 -3.85 -17.87
N THR A 82 4.10 -3.05 -17.27
CA THR A 82 5.12 -2.24 -17.94
C THR A 82 4.50 -1.07 -18.69
N SER A 83 3.20 -1.13 -18.98
CA SER A 83 2.56 -0.06 -19.74
C SER A 83 2.43 1.19 -18.90
N ILE A 84 2.62 2.32 -19.57
CA ILE A 84 2.39 3.64 -18.98
C ILE A 84 1.21 4.21 -19.75
N TYR A 85 0.11 4.50 -19.04
CA TYR A 85 -1.10 4.99 -19.69
C TYR A 85 -1.44 6.39 -19.24
N ASP A 86 -2.26 7.09 -20.02
CA ASP A 86 -2.99 8.25 -19.49
C ASP A 86 -4.22 7.76 -18.73
N GLY A 87 -5.05 8.71 -18.30
CA GLY A 87 -6.23 8.43 -17.45
C GLY A 87 -7.36 7.61 -18.06
N ILE A 88 -7.28 7.39 -19.36
CA ILE A 88 -8.22 6.55 -20.07
C ILE A 88 -7.46 5.63 -21.01
N GLN A 89 -6.42 5.00 -20.46
CA GLN A 89 -5.81 3.79 -21.06
C GLN A 89 -5.17 3.88 -22.47
N ARG A 90 -4.77 5.08 -22.89
CA ARG A 90 -3.99 5.25 -24.13
C ARG A 90 -2.49 5.23 -23.81
N PRO A 91 -1.69 4.42 -24.55
CA PRO A 91 -0.23 4.28 -24.33
C PRO A 91 0.50 5.62 -24.46
N LEU A 92 1.68 5.73 -23.84
CA LEU A 92 2.15 7.06 -23.50
C LEU A 92 2.97 7.89 -24.48
N GLU A 93 2.24 8.78 -25.14
CA GLU A 93 2.68 10.12 -25.52
C GLU A 93 1.60 11.03 -24.91
N VAL A 94 2.02 12.15 -24.33
CA VAL A 94 1.14 13.04 -23.53
C VAL A 94 -0.04 13.67 -24.33
N ILE A 95 -1.29 13.32 -23.97
CA ILE A 95 -2.49 13.73 -24.77
C ILE A 95 -3.79 14.15 -23.97
N ARG A 96 -4.94 14.25 -24.64
CA ARG A 96 -6.11 15.05 -24.17
C ARG A 96 -7.58 14.57 -24.49
N GLU A 97 -8.39 14.41 -23.43
CA GLU A 97 -9.87 14.16 -23.49
C GLU A 97 -10.69 15.21 -22.70
N LYS A 98 -11.60 15.91 -23.39
CA LYS A 98 -12.49 16.88 -22.72
C LYS A 98 -13.87 16.26 -22.48
N THR A 99 -14.51 16.58 -21.36
CA THR A 99 -15.89 16.14 -21.11
C THR A 99 -16.55 16.65 -19.81
N GLY A 100 -17.73 16.09 -19.50
CA GLY A 100 -18.46 16.33 -18.25
C GLY A 100 -18.79 14.99 -17.59
N ASP A 101 -20.08 14.62 -17.58
CA ASP A 101 -20.51 13.26 -17.19
C ASP A 101 -20.76 12.40 -18.43
N PHE A 102 -20.29 12.91 -19.57
CA PHE A 102 -20.50 12.28 -20.86
C PHE A 102 -19.23 11.61 -21.41
N ILE A 103 -18.82 11.99 -22.61
CA ILE A 103 -17.84 11.21 -23.40
C ILE A 103 -16.75 12.04 -24.11
N ALA A 104 -15.96 11.37 -24.95
CA ALA A 104 -14.72 11.95 -25.52
C ALA A 104 -14.55 11.88 -27.05
N ARG A 105 -13.66 12.76 -27.56
CA ARG A 105 -13.03 12.65 -28.87
C ARG A 105 -11.58 12.21 -28.61
N GLY A 106 -10.72 12.14 -29.64
CA GLY A 106 -9.30 11.77 -29.41
C GLY A 106 -8.48 11.25 -30.59
N VAL A 107 -7.40 10.50 -30.29
CA VAL A 107 -6.48 9.97 -31.32
C VAL A 107 -6.22 8.44 -31.20
N THR A 108 -5.35 7.93 -32.07
CA THR A 108 -5.44 6.58 -32.64
C THR A 108 -4.69 5.40 -31.96
N ALA A 109 -4.07 5.65 -30.81
CA ALA A 109 -3.28 4.61 -30.11
C ALA A 109 -4.15 3.55 -29.39
N PRO A 110 -3.84 2.24 -29.57
CA PRO A 110 -4.64 1.16 -28.95
C PRO A 110 -4.55 1.12 -27.40
N ALA A 111 -4.20 -0.02 -26.79
CA ALA A 111 -4.12 -0.12 -25.32
C ALA A 111 -3.25 -1.29 -24.86
N LEU A 112 -3.69 -2.49 -25.20
CA LEU A 112 -2.85 -3.66 -25.17
C LEU A 112 -2.53 -3.85 -26.65
N PRO A 113 -1.27 -4.17 -27.00
CA PRO A 113 -0.89 -4.22 -28.42
C PRO A 113 -1.36 -5.49 -29.16
N ARG A 114 -1.72 -5.33 -30.45
CA ARG A 114 -2.28 -6.44 -31.26
C ARG A 114 -1.19 -7.30 -31.89
N ASP A 115 -0.17 -6.65 -32.44
CA ASP A 115 1.04 -7.30 -32.99
C ASP A 115 1.66 -8.37 -32.08
N LYS A 116 1.80 -8.06 -30.79
CA LYS A 116 2.52 -8.89 -29.84
C LYS A 116 1.96 -10.31 -29.75
N LYS A 117 2.85 -11.30 -29.84
CA LYS A 117 2.43 -12.69 -29.62
C LYS A 117 2.78 -13.25 -28.26
N TRP A 118 1.74 -13.59 -27.50
CA TRP A 118 1.89 -14.07 -26.14
C TRP A 118 1.78 -15.59 -26.09
N HIS A 119 2.70 -16.23 -25.38
CA HIS A 119 2.59 -17.67 -25.14
C HIS A 119 1.39 -17.97 -24.22
N PHE A 120 0.53 -18.88 -24.64
CA PHE A 120 -0.68 -19.22 -23.89
C PHE A 120 -0.70 -20.69 -23.49
N ILE A 121 -0.68 -20.97 -22.18
CA ILE A 121 -0.84 -22.34 -21.66
C ILE A 121 -2.28 -22.62 -21.19
N PRO A 122 -2.98 -23.54 -21.86
CA PRO A 122 -4.35 -23.86 -21.46
C PRO A 122 -4.42 -24.46 -20.05
N LYS A 123 -5.47 -24.14 -19.31
CA LYS A 123 -5.61 -24.62 -17.94
C LYS A 123 -6.98 -25.23 -17.71
N ALA A 124 -7.54 -25.76 -18.79
CA ALA A 124 -8.85 -26.41 -18.83
C ALA A 124 -8.94 -27.19 -20.13
N LYS A 125 -9.90 -28.10 -20.21
CA LYS A 125 -10.09 -28.86 -21.44
C LYS A 125 -11.54 -28.74 -21.94
N VAL A 126 -11.80 -29.22 -23.16
CA VAL A 126 -13.18 -29.32 -23.68
C VAL A 126 -13.96 -30.22 -22.73
N GLY A 127 -15.17 -29.81 -22.37
CA GLY A 127 -16.00 -30.57 -21.44
C GLY A 127 -16.02 -30.05 -20.01
N ASP A 128 -15.17 -29.06 -19.73
CA ASP A 128 -15.13 -28.40 -18.42
C ASP A 128 -16.27 -27.42 -18.25
N LYS A 129 -16.97 -27.47 -17.13
CA LYS A 129 -17.93 -26.40 -16.82
C LYS A 129 -17.15 -25.23 -16.23
N VAL A 130 -17.46 -24.01 -16.67
CA VAL A 130 -16.71 -22.86 -16.19
C VAL A 130 -17.68 -21.79 -15.85
N VAL A 131 -17.31 -20.92 -14.92
CA VAL A 131 -18.13 -19.74 -14.63
C VAL A 131 -17.32 -18.47 -14.75
N GLY A 132 -18.03 -17.35 -14.66
CA GLY A 132 -17.37 -16.05 -14.63
C GLY A 132 -16.16 -16.08 -13.72
N GLY A 133 -14.98 -16.01 -14.31
CA GLY A 133 -13.79 -15.82 -13.49
C GLY A 133 -12.89 -17.02 -13.37
N ASP A 134 -13.34 -18.16 -13.87
CA ASP A 134 -12.48 -19.35 -13.95
C ASP A 134 -11.28 -19.06 -14.80
N ILE A 135 -10.17 -19.68 -14.43
CA ILE A 135 -8.94 -19.49 -15.14
C ILE A 135 -8.86 -20.61 -16.14
N ILE A 136 -8.86 -20.24 -17.41
CA ILE A 136 -8.78 -21.18 -18.52
C ILE A 136 -7.36 -21.25 -19.14
N GLY A 137 -6.49 -20.30 -18.80
CA GLY A 137 -5.11 -20.32 -19.28
C GLY A 137 -4.17 -19.38 -18.54
N GLU A 138 -2.87 -19.58 -18.70
CA GLU A 138 -1.84 -18.71 -18.11
C GLU A 138 -0.91 -18.16 -19.16
N VAL A 139 -0.56 -16.89 -19.03
CA VAL A 139 0.42 -16.26 -19.92
C VAL A 139 1.58 -15.62 -19.13
N PRO A 140 2.79 -16.19 -19.29
CA PRO A 140 3.94 -15.47 -18.70
C PRO A 140 4.01 -14.16 -19.44
N GLU A 141 4.00 -13.02 -18.74
CA GLU A 141 3.92 -11.71 -19.40
C GLU A 141 5.15 -10.82 -19.13
N THR A 142 5.76 -11.06 -17.98
CA THR A 142 7.02 -10.44 -17.58
C THR A 142 7.64 -11.56 -16.79
N SER A 143 8.90 -11.41 -16.40
CA SER A 143 9.55 -12.46 -15.61
C SER A 143 9.05 -12.55 -14.16
N ILE A 144 8.14 -11.66 -13.79
CA ILE A 144 7.61 -11.69 -12.43
C ILE A 144 6.16 -12.21 -12.43
N ILE A 145 5.36 -11.70 -13.34
CA ILE A 145 3.94 -11.98 -13.31
C ILE A 145 3.49 -12.95 -14.38
N VAL A 146 2.93 -14.07 -13.91
CA VAL A 146 2.13 -14.97 -14.72
C VAL A 146 0.74 -14.33 -14.77
N HIS A 147 0.29 -14.03 -15.96
CA HIS A 147 -1.03 -13.46 -16.15
C HIS A 147 -2.05 -14.64 -16.21
N LYS A 148 -3.24 -14.48 -15.62
CA LYS A 148 -4.23 -15.56 -15.66
C LYS A 148 -5.40 -15.19 -16.56
N ILE A 149 -5.67 -15.98 -17.58
CA ILE A 149 -6.80 -15.70 -18.49
C ILE A 149 -8.13 -16.24 -17.96
N MET A 150 -9.06 -15.32 -17.71
CA MET A 150 -10.27 -15.66 -16.98
C MET A 150 -11.53 -15.50 -17.80
N VAL A 151 -12.45 -16.42 -17.63
CA VAL A 151 -13.74 -16.24 -18.21
C VAL A 151 -14.29 -14.91 -17.70
N PRO A 152 -14.60 -13.97 -18.60
CA PRO A 152 -15.12 -12.68 -18.07
C PRO A 152 -16.39 -12.85 -17.20
N PRO A 153 -16.63 -11.95 -16.21
CA PRO A 153 -17.87 -12.05 -15.41
C PRO A 153 -19.09 -12.04 -16.33
N GLY A 154 -20.18 -12.69 -15.90
CA GLY A 154 -21.38 -12.77 -16.71
C GLY A 154 -21.45 -13.98 -17.62
N ILE A 155 -20.33 -14.63 -17.89
CA ILE A 155 -20.33 -15.76 -18.80
C ILE A 155 -20.13 -17.09 -18.07
N GLU A 156 -21.02 -18.04 -18.31
CA GLU A 156 -20.88 -19.42 -17.82
C GLU A 156 -21.31 -20.44 -18.85
N GLY A 157 -20.76 -21.65 -18.80
CA GLY A 157 -21.17 -22.71 -19.70
C GLY A 157 -20.23 -23.89 -19.63
N GLU A 158 -20.14 -24.62 -20.74
CA GLU A 158 -19.18 -25.70 -20.96
C GLU A 158 -18.13 -25.21 -21.95
N ILE A 159 -16.90 -25.68 -21.82
CA ILE A 159 -15.86 -25.33 -22.79
C ILE A 159 -16.04 -26.23 -23.99
N VAL A 160 -16.27 -25.64 -25.16
CA VAL A 160 -16.47 -26.44 -26.37
C VAL A 160 -15.20 -26.46 -27.19
N GLU A 161 -14.38 -25.44 -27.00
CA GLU A 161 -13.20 -25.23 -27.82
C GLU A 161 -12.23 -24.52 -26.91
N ILE A 162 -11.00 -25.02 -26.85
CA ILE A 162 -9.93 -24.31 -26.18
C ILE A 162 -8.63 -24.42 -26.98
N ALA A 163 -7.94 -23.29 -27.11
CA ALA A 163 -6.66 -23.22 -27.80
C ALA A 163 -5.64 -24.18 -27.22
N GLU A 164 -4.53 -24.31 -27.92
CA GLU A 164 -3.50 -25.26 -27.57
C GLU A 164 -2.20 -24.53 -27.22
N GLU A 165 -1.40 -25.12 -26.34
CA GLU A 165 -0.11 -24.53 -25.97
C GLU A 165 0.46 -23.90 -27.24
N GLY A 166 0.54 -22.57 -27.25
CA GLY A 166 1.03 -21.87 -28.42
C GLY A 166 1.14 -20.38 -28.24
N ASP A 167 1.55 -19.69 -29.30
CA ASP A 167 1.77 -18.26 -29.25
C ASP A 167 0.69 -17.56 -30.05
N TYR A 168 0.02 -16.61 -29.43
CA TYR A 168 -1.11 -15.94 -30.09
C TYR A 168 -1.11 -14.45 -29.81
N THR A 169 -1.63 -13.64 -30.75
CA THR A 169 -1.96 -12.24 -30.49
C THR A 169 -3.33 -12.13 -29.82
N ILE A 170 -3.45 -11.23 -28.87
CA ILE A 170 -4.68 -11.07 -28.07
C ILE A 170 -6.00 -11.02 -28.85
N GLU A 171 -5.94 -10.71 -30.14
CA GLU A 171 -7.15 -10.67 -30.97
C GLU A 171 -7.71 -12.05 -31.28
N GLU A 172 -6.89 -13.07 -31.09
CA GLU A 172 -7.30 -14.43 -31.35
C GLU A 172 -8.37 -14.92 -30.38
N VAL A 173 -8.96 -16.06 -30.71
CA VAL A 173 -9.98 -16.62 -29.88
C VAL A 173 -9.30 -17.82 -29.28
N ILE A 174 -9.14 -17.81 -27.96
CA ILE A 174 -8.48 -18.94 -27.30
C ILE A 174 -9.46 -19.90 -26.62
N ALA A 175 -10.76 -19.57 -26.70
CA ALA A 175 -11.79 -20.45 -26.19
C ALA A 175 -13.16 -20.04 -26.67
N LYS A 176 -14.06 -21.01 -26.69
CA LYS A 176 -15.47 -20.78 -26.97
C LYS A 176 -16.19 -21.49 -25.86
N VAL A 177 -17.13 -20.79 -25.23
CA VAL A 177 -17.97 -21.45 -24.22
C VAL A 177 -19.44 -21.51 -24.69
N LYS A 178 -20.07 -22.68 -24.57
CA LYS A 178 -21.51 -22.80 -24.81
C LYS A 178 -22.35 -22.63 -23.54
N THR A 179 -23.02 -21.50 -23.44
CA THR A 179 -23.83 -21.13 -22.27
C THR A 179 -25.00 -22.07 -22.04
N PRO A 180 -25.71 -21.97 -20.90
CA PRO A 180 -26.76 -22.99 -20.72
C PRO A 180 -27.90 -22.90 -21.77
N SER A 181 -28.30 -21.70 -22.18
CA SER A 181 -29.36 -21.60 -23.17
C SER A 181 -28.83 -21.95 -24.56
N GLY A 182 -27.49 -21.98 -24.70
CA GLY A 182 -26.87 -22.60 -25.87
C GLY A 182 -26.14 -21.62 -26.76
N GLU A 183 -26.05 -20.39 -26.29
CA GLU A 183 -25.30 -19.34 -26.98
C GLU A 183 -23.80 -19.64 -26.94
N ILE A 184 -23.10 -19.42 -28.05
CA ILE A 184 -21.64 -19.62 -28.08
C ILE A 184 -20.89 -18.31 -27.88
N LYS A 185 -19.96 -18.30 -26.91
CA LYS A 185 -19.18 -17.12 -26.57
C LYS A 185 -17.71 -17.30 -26.89
N GLU A 186 -17.17 -16.36 -27.65
CA GLU A 186 -15.78 -16.41 -28.03
C GLU A 186 -14.90 -15.60 -27.06
N LEU A 187 -13.96 -16.29 -26.42
CA LEU A 187 -13.13 -15.64 -25.40
C LEU A 187 -11.76 -15.28 -25.92
N LYS A 188 -11.41 -14.00 -25.78
CA LYS A 188 -10.09 -13.53 -26.12
C LYS A 188 -9.15 -13.71 -24.93
N MET A 189 -7.89 -13.32 -25.11
CA MET A 189 -6.91 -13.35 -24.02
C MET A 189 -7.14 -12.11 -23.17
N TYR A 190 -7.91 -11.16 -23.69
CA TYR A 190 -8.23 -9.95 -22.97
C TYR A 190 -9.72 -9.79 -22.79
N GLN A 191 -10.09 -8.77 -22.00
CA GLN A 191 -11.49 -8.53 -21.73
C GLN A 191 -11.75 -7.05 -21.47
N ARG A 192 -12.95 -6.59 -21.74
CA ARG A 192 -13.25 -5.17 -21.64
C ARG A 192 -14.10 -4.91 -20.38
N TRP A 193 -13.87 -3.80 -19.69
CA TRP A 193 -14.72 -3.50 -18.52
C TRP A 193 -14.99 -2.03 -18.28
N PRO A 194 -16.26 -1.65 -18.08
CA PRO A 194 -16.62 -0.27 -17.75
C PRO A 194 -16.03 0.22 -16.41
N VAL A 195 -15.04 1.11 -16.52
CA VAL A 195 -14.30 1.57 -15.38
C VAL A 195 -15.18 2.03 -14.21
N ARG A 196 -16.35 2.57 -14.49
CA ARG A 196 -17.18 3.14 -13.43
C ARG A 196 -18.03 2.07 -12.73
N VAL A 197 -17.99 0.83 -13.21
CA VAL A 197 -18.72 -0.21 -12.51
C VAL A 197 -17.71 -1.04 -11.77
N LYS A 198 -17.93 -1.20 -10.47
CA LYS A 198 -17.00 -1.98 -9.69
C LYS A 198 -17.05 -3.41 -10.18
N ARG A 199 -15.91 -4.05 -10.47
CA ARG A 199 -15.97 -5.45 -10.92
C ARG A 199 -16.57 -6.36 -9.81
N PRO A 200 -17.43 -7.30 -10.20
CA PRO A 200 -18.09 -8.10 -9.19
C PRO A 200 -17.17 -9.15 -8.51
N TYR A 201 -17.64 -9.69 -7.40
CA TYR A 201 -16.90 -10.67 -6.64
C TYR A 201 -17.92 -11.45 -5.80
N LYS A 202 -17.49 -12.54 -5.18
CA LYS A 202 -18.39 -13.32 -4.33
C LYS A 202 -18.66 -12.58 -3.04
N GLU A 203 -17.68 -12.55 -2.15
CA GLU A 203 -17.83 -11.90 -0.84
C GLU A 203 -16.65 -10.94 -0.56
N LYS A 204 -16.90 -9.92 0.25
CA LYS A 204 -15.85 -9.00 0.67
C LYS A 204 -15.53 -9.43 2.07
N LEU A 205 -14.32 -9.94 2.29
CA LEU A 205 -13.94 -10.42 3.60
C LEU A 205 -13.65 -9.23 4.50
N PRO A 206 -13.76 -9.42 5.83
CA PRO A 206 -13.46 -8.30 6.72
C PRO A 206 -11.95 -8.14 6.86
N PRO A 207 -11.46 -6.95 7.20
CA PRO A 207 -10.02 -6.79 7.36
C PRO A 207 -9.46 -7.85 8.32
N GLU A 208 -8.31 -8.46 7.99
CA GLU A 208 -7.74 -9.51 8.86
C GLU A 208 -6.29 -9.90 8.59
N VAL A 209 -5.84 -9.71 7.36
CA VAL A 209 -4.48 -10.00 7.01
C VAL A 209 -3.80 -8.66 6.79
N PRO A 210 -2.67 -8.41 7.46
CA PRO A 210 -2.03 -7.12 7.26
C PRO A 210 -1.27 -7.06 5.94
N LEU A 211 -1.15 -5.86 5.35
CA LEU A 211 -0.27 -5.63 4.20
C LEU A 211 1.10 -5.36 4.81
N ILE A 212 2.00 -6.34 4.79
CA ILE A 212 3.28 -6.15 5.46
C ILE A 212 4.10 -5.21 4.62
N THR A 213 4.66 -4.21 5.27
CA THR A 213 5.24 -3.08 4.61
C THR A 213 6.77 -3.13 4.89
N GLY A 214 7.16 -3.85 5.93
CA GLY A 214 8.55 -3.98 6.24
C GLY A 214 9.06 -2.83 7.07
N GLN A 215 8.26 -1.76 7.12
CA GLN A 215 8.62 -0.47 7.75
C GLN A 215 8.03 -0.52 9.17
N ARG A 216 8.88 -0.34 10.19
CA ARG A 216 8.51 -0.71 11.54
C ARG A 216 7.31 0.07 12.04
N VAL A 217 7.34 1.41 11.90
CA VAL A 217 6.29 2.18 12.55
C VAL A 217 4.91 1.87 11.94
N ILE A 218 4.88 1.68 10.64
CA ILE A 218 3.63 1.36 9.99
C ILE A 218 3.13 -0.02 10.43
N ASP A 219 3.99 -1.04 10.28
CA ASP A 219 3.56 -2.39 10.57
C ASP A 219 3.21 -2.58 12.02
N THR A 220 3.91 -1.91 12.94
CA THR A 220 3.61 -2.04 14.38
C THR A 220 2.47 -1.13 14.88
N PHE A 221 2.52 0.16 14.54
CA PHE A 221 1.61 1.08 15.18
C PHE A 221 0.48 1.51 14.30
N PHE A 222 0.67 1.51 12.99
CA PHE A 222 -0.39 1.99 12.08
C PHE A 222 -0.58 1.05 10.87
N PRO A 223 -0.90 -0.24 11.15
CA PRO A 223 -0.95 -1.23 10.11
C PRO A 223 -1.97 -0.86 9.08
N GLN A 224 -1.64 -1.21 7.82
CA GLN A 224 -2.56 -1.28 6.71
C GLN A 224 -2.98 -2.75 6.59
N ALA A 225 -4.27 -2.99 6.35
CA ALA A 225 -4.76 -4.35 6.10
C ALA A 225 -4.80 -4.56 4.60
N LYS A 226 -4.57 -5.79 4.13
CA LYS A 226 -4.78 -6.09 2.71
C LYS A 226 -6.23 -5.75 2.38
N GLY A 227 -6.47 -4.99 1.31
CA GLY A 227 -7.82 -4.54 1.00
C GLY A 227 -8.25 -3.40 1.89
N GLY A 228 -7.32 -2.87 2.70
CA GLY A 228 -7.61 -1.67 3.52
C GLY A 228 -7.43 -0.36 2.74
N THR A 229 -7.65 0.76 3.41
CA THR A 229 -7.49 2.05 2.77
C THR A 229 -6.70 2.99 3.66
N ALA A 230 -5.70 3.66 3.09
CA ALA A 230 -4.82 4.53 3.87
C ALA A 230 -4.61 5.84 3.15
N ALA A 231 -4.35 6.90 3.89
CA ALA A 231 -3.99 8.17 3.30
C ALA A 231 -2.64 8.62 3.90
N ILE A 232 -1.93 9.50 3.17
CA ILE A 232 -0.59 9.99 3.54
C ILE A 232 -0.47 11.39 2.96
N PRO A 233 0.15 12.34 3.67
CA PRO A 233 0.26 13.63 3.07
C PRO A 233 1.00 13.68 1.75
N GLY A 234 0.74 14.78 1.02
CA GLY A 234 1.75 15.58 0.28
C GLY A 234 1.81 14.92 -1.03
N PRO A 235 2.54 15.49 -2.01
CA PRO A 235 2.66 14.70 -3.24
C PRO A 235 3.73 13.59 -3.12
N PHE A 236 3.47 12.48 -3.81
CA PHE A 236 4.42 11.38 -3.91
C PHE A 236 5.80 11.78 -4.42
N GLY A 237 5.82 12.73 -5.36
CA GLY A 237 7.07 13.22 -5.95
C GLY A 237 7.91 14.04 -4.99
N SER A 238 7.39 14.25 -3.79
CA SER A 238 8.09 15.06 -2.80
C SER A 238 9.39 14.38 -2.40
N GLY A 239 10.44 15.17 -2.28
CA GLY A 239 11.74 14.65 -1.97
C GLY A 239 12.01 14.69 -0.49
N LYS A 240 11.12 15.33 0.27
CA LYS A 240 11.24 15.44 1.73
C LYS A 240 11.18 14.07 2.48
N THR A 241 10.62 13.05 1.84
CA THR A 241 10.46 11.76 2.48
C THR A 241 10.60 10.65 1.45
N VAL A 242 10.73 9.40 1.93
CA VAL A 242 10.81 8.25 1.03
C VAL A 242 9.84 7.09 1.32
N THR A 243 8.97 7.23 2.32
CA THR A 243 8.14 6.09 2.71
C THR A 243 7.21 5.72 1.57
N GLN A 244 6.75 6.75 0.85
CA GLN A 244 5.95 6.54 -0.36
C GLN A 244 6.66 5.52 -1.27
N HIS A 245 7.96 5.67 -1.47
CA HIS A 245 8.68 4.74 -2.34
C HIS A 245 8.86 3.38 -1.68
N GLN A 246 9.21 3.42 -0.38
CA GLN A 246 9.31 2.21 0.43
C GLN A 246 8.03 1.40 0.40
N LEU A 247 6.90 2.09 0.46
CA LEU A 247 5.61 1.44 0.42
C LEU A 247 5.44 0.75 -0.91
N ALA A 248 5.69 1.47 -2.01
CA ALA A 248 5.46 0.90 -3.35
C ALA A 248 6.35 -0.32 -3.58
N LYS A 249 7.57 -0.22 -3.12
CA LYS A 249 8.59 -1.17 -3.48
C LYS A 249 8.58 -2.40 -2.57
N TRP A 250 8.06 -2.26 -1.35
CA TRP A 250 8.19 -3.34 -0.37
C TRP A 250 6.91 -4.03 0.13
N SER A 251 5.75 -3.39 0.11
CA SER A 251 4.48 -4.04 0.46
C SER A 251 4.30 -5.40 -0.22
N ASP A 252 3.92 -6.46 0.51
CA ASP A 252 3.71 -7.72 -0.21
C ASP A 252 2.39 -7.75 -0.98
N ALA A 253 2.27 -6.84 -1.91
CA ALA A 253 1.30 -6.93 -2.96
C ALA A 253 2.10 -7.45 -4.12
N GLN A 254 1.52 -8.35 -4.90
CA GLN A 254 2.23 -8.83 -6.08
C GLN A 254 2.25 -7.78 -7.19
N VAL A 255 1.30 -6.84 -7.19
CA VAL A 255 1.13 -5.95 -8.32
C VAL A 255 0.89 -4.53 -7.82
N VAL A 256 1.58 -3.57 -8.40
CA VAL A 256 1.45 -2.17 -8.00
C VAL A 256 0.75 -1.35 -9.10
N ILE A 257 -0.31 -0.65 -8.73
CA ILE A 257 -0.95 0.22 -9.69
C ILE A 257 -0.75 1.59 -9.12
N TYR A 258 0.10 2.36 -9.79
CA TYR A 258 0.52 3.69 -9.34
C TYR A 258 -0.12 4.75 -10.21
N ILE A 259 -0.88 5.63 -9.62
CA ILE A 259 -1.46 6.70 -10.40
C ILE A 259 -0.75 7.96 -9.98
N GLY A 260 0.24 8.31 -10.80
CA GLY A 260 1.14 9.39 -10.51
C GLY A 260 0.55 10.66 -11.04
N CYS A 261 -0.12 11.38 -10.16
CA CYS A 261 -0.68 12.66 -10.50
C CYS A 261 0.42 13.71 -10.65
N GLY A 262 0.09 14.80 -11.35
CA GLY A 262 0.93 16.03 -11.46
C GLY A 262 2.38 15.91 -11.92
N GLU A 263 3.01 17.07 -12.11
CA GLU A 263 4.46 17.18 -12.41
C GLU A 263 5.07 18.58 -12.13
N ARG A 264 6.39 18.61 -11.91
CA ARG A 264 7.16 19.85 -11.68
C ARG A 264 7.89 20.34 -12.93
N GLY A 265 8.32 21.62 -12.91
CA GLY A 265 9.15 22.23 -13.95
C GLY A 265 8.66 22.06 -15.39
N ASN A 266 9.56 22.26 -16.35
CA ASN A 266 9.27 21.98 -17.76
C ASN A 266 10.44 21.39 -18.58
N GLU A 267 11.23 20.52 -17.94
CA GLU A 267 12.27 19.73 -18.64
C GLU A 267 11.73 18.35 -19.06
N MET A 268 10.66 17.91 -18.39
CA MET A 268 9.73 16.82 -18.84
C MET A 268 10.00 15.35 -18.40
N THR A 269 11.02 15.11 -17.56
CA THR A 269 11.60 13.76 -17.47
C THR A 269 11.63 13.03 -16.09
N ASP A 270 10.81 13.45 -15.12
CA ASP A 270 10.89 12.86 -13.75
C ASP A 270 10.53 11.36 -13.67
N VAL A 271 9.29 11.05 -13.28
CA VAL A 271 8.83 9.67 -13.05
C VAL A 271 8.79 8.82 -14.34
N LEU A 272 8.86 9.49 -15.49
CA LEU A 272 8.86 8.82 -16.78
C LEU A 272 10.17 8.08 -17.06
N GLU A 273 11.28 8.81 -16.98
CA GLU A 273 12.59 8.25 -17.34
C GLU A 273 13.17 7.26 -16.31
N GLU A 274 13.36 7.70 -15.08
CA GLU A 274 14.11 6.91 -14.09
C GLU A 274 13.24 5.82 -13.42
N PHE A 275 12.38 5.19 -14.21
CA PHE A 275 11.45 4.16 -13.71
C PHE A 275 11.46 2.81 -14.45
N PRO A 276 11.65 2.82 -15.79
CA PRO A 276 12.01 1.55 -16.46
C PRO A 276 13.37 1.03 -16.01
N LYS A 277 14.09 1.85 -15.23
CA LYS A 277 15.41 1.49 -14.73
C LYS A 277 15.30 0.99 -13.31
N LEU A 278 14.25 1.43 -12.62
CA LEU A 278 14.04 1.14 -11.21
C LEU A 278 13.97 -0.36 -10.84
N LYS A 279 14.74 -0.77 -9.85
CA LYS A 279 14.88 -2.17 -9.50
C LYS A 279 13.89 -2.58 -8.43
N ASP A 280 13.35 -3.79 -8.59
CA ASP A 280 12.47 -4.43 -7.62
C ASP A 280 13.31 -5.29 -6.68
N PRO A 281 13.39 -4.89 -5.39
CA PRO A 281 14.36 -5.47 -4.50
C PRO A 281 14.00 -6.87 -4.06
N LYS A 282 12.75 -7.28 -4.31
CA LYS A 282 12.35 -8.65 -4.00
C LYS A 282 12.87 -9.66 -5.03
N THR A 283 13.19 -9.20 -6.23
CA THR A 283 13.49 -10.11 -7.35
C THR A 283 14.71 -9.73 -8.20
N GLY A 284 15.24 -8.52 -8.01
CA GLY A 284 16.35 -8.03 -8.84
C GLY A 284 15.92 -7.67 -10.25
N LYS A 285 14.67 -7.94 -10.57
CA LYS A 285 14.08 -7.61 -11.87
C LYS A 285 13.43 -6.22 -11.86
N PRO A 286 13.18 -5.62 -13.04
CA PRO A 286 12.71 -4.24 -12.91
C PRO A 286 11.29 -4.16 -12.34
N LEU A 287 11.07 -3.19 -11.44
CA LEU A 287 9.79 -2.99 -10.78
C LEU A 287 8.65 -2.78 -11.77
N MET A 288 8.96 -2.28 -12.97
CA MET A 288 7.99 -2.08 -14.06
C MET A 288 7.34 -3.39 -14.42
N GLU A 289 8.10 -4.45 -14.24
CA GLU A 289 7.68 -5.80 -14.55
C GLU A 289 6.54 -6.32 -13.65
N ARG A 290 6.04 -5.47 -12.74
CA ARG A 290 4.92 -5.78 -11.85
C ARG A 290 4.17 -4.49 -11.49
N THR A 291 4.27 -3.51 -12.37
CA THR A 291 3.61 -2.24 -12.16
C THR A 291 2.84 -1.81 -13.39
N VAL A 292 1.77 -1.06 -13.15
CA VAL A 292 1.09 -0.37 -14.18
C VAL A 292 1.14 1.07 -13.74
N LEU A 293 1.62 1.91 -14.64
CA LEU A 293 1.75 3.34 -14.43
C LEU A 293 0.63 4.03 -15.16
N ILE A 294 0.01 4.98 -14.49
CA ILE A 294 -1.06 5.80 -15.03
C ILE A 294 -0.75 7.28 -14.75
N ALA A 295 -0.39 7.98 -15.83
CA ALA A 295 0.21 9.30 -15.75
C ALA A 295 -0.84 10.39 -15.76
N ASN A 296 -0.81 11.24 -14.74
CA ASN A 296 -1.61 12.48 -14.74
C ASN A 296 -0.71 13.68 -14.85
N THR A 297 -0.47 14.17 -16.07
CA THR A 297 0.27 15.42 -16.18
C THR A 297 -0.67 16.63 -16.03
N SER A 298 -0.07 17.80 -15.84
CA SER A 298 -0.81 19.06 -15.73
C SER A 298 -1.34 19.50 -17.09
N ASN A 299 -0.52 19.38 -18.14
CA ASN A 299 -0.95 19.70 -19.51
C ASN A 299 -2.01 18.74 -20.09
N MET A 300 -2.35 17.70 -19.32
CA MET A 300 -3.50 16.81 -19.58
C MET A 300 -4.80 17.45 -19.10
N PRO A 301 -5.97 16.97 -19.58
CA PRO A 301 -7.22 17.66 -19.29
C PRO A 301 -7.99 17.13 -18.09
N VAL A 302 -8.62 18.05 -17.35
CA VAL A 302 -9.31 17.76 -16.09
C VAL A 302 -9.99 16.39 -15.99
N ALA A 303 -10.80 16.07 -17.01
CA ALA A 303 -11.63 14.88 -17.05
C ALA A 303 -10.82 13.58 -17.11
N ALA A 304 -9.73 13.61 -17.88
CA ALA A 304 -8.81 12.46 -17.97
C ALA A 304 -8.19 12.11 -16.61
N ARG A 305 -7.88 13.14 -15.82
CA ARG A 305 -7.33 12.95 -14.47
C ARG A 305 -8.37 12.32 -13.54
N GLU A 306 -9.59 12.84 -13.57
CA GLU A 306 -10.63 12.30 -12.73
C GLU A 306 -10.98 10.85 -13.10
N ALA A 307 -10.91 10.54 -14.39
CA ALA A 307 -11.20 9.20 -14.87
C ALA A 307 -10.09 8.22 -14.51
N SER A 308 -8.87 8.74 -14.46
CA SER A 308 -7.66 7.95 -14.18
C SER A 308 -7.73 7.01 -12.96
N ILE A 309 -8.33 7.45 -11.86
CA ILE A 309 -8.39 6.64 -10.65
C ILE A 309 -9.40 5.50 -10.76
N TYR A 310 -10.43 5.68 -11.58
CA TYR A 310 -11.38 4.61 -11.87
C TYR A 310 -10.73 3.60 -12.77
N THR A 311 -9.97 4.12 -13.73
CA THR A 311 -9.17 3.31 -14.63
C THR A 311 -8.17 2.44 -13.86
N GLY A 312 -7.49 3.06 -12.89
CA GLY A 312 -6.52 2.37 -12.04
C GLY A 312 -7.17 1.32 -11.19
N ILE A 313 -8.20 1.71 -10.44
CA ILE A 313 -8.84 0.77 -9.55
C ILE A 313 -9.48 -0.40 -10.31
N THR A 314 -10.00 -0.13 -11.50
CA THR A 314 -10.59 -1.22 -12.33
C THR A 314 -9.48 -2.20 -12.74
N ILE A 315 -8.35 -1.66 -13.16
CA ILE A 315 -7.22 -2.49 -13.49
C ILE A 315 -6.79 -3.30 -12.26
N ALA A 316 -6.73 -2.63 -11.11
CA ALA A 316 -6.42 -3.28 -9.82
C ALA A 316 -7.40 -4.44 -9.55
N GLU A 317 -8.71 -4.16 -9.62
CA GLU A 317 -9.70 -5.22 -9.42
C GLU A 317 -9.45 -6.37 -10.37
N TYR A 318 -9.01 -6.07 -11.57
CA TYR A 318 -8.65 -7.14 -12.50
C TYR A 318 -7.57 -8.05 -11.97
N PHE A 319 -6.53 -7.49 -11.38
CA PHE A 319 -5.48 -8.34 -10.83
C PHE A 319 -5.91 -9.05 -9.54
N ARG A 320 -6.68 -8.38 -8.68
CA ARG A 320 -7.14 -9.15 -7.55
C ARG A 320 -7.99 -10.34 -7.96
N ASP A 321 -8.87 -10.15 -8.93
CA ASP A 321 -9.67 -11.25 -9.49
C ASP A 321 -8.86 -12.52 -9.86
N MET A 322 -7.57 -12.38 -10.14
CA MET A 322 -6.75 -13.57 -10.45
C MET A 322 -6.26 -14.28 -9.19
N GLY A 323 -6.39 -13.61 -8.05
CA GLY A 323 -5.91 -14.15 -6.79
C GLY A 323 -4.68 -13.43 -6.25
N TYR A 324 -4.39 -12.25 -6.79
CA TYR A 324 -3.23 -11.43 -6.44
C TYR A 324 -3.60 -10.34 -5.46
N ASP A 325 -2.57 -9.91 -4.73
CA ASP A 325 -2.72 -8.74 -3.90
C ASP A 325 -2.14 -7.60 -4.66
N VAL A 326 -2.87 -6.50 -4.65
CA VAL A 326 -2.46 -5.38 -5.38
C VAL A 326 -2.59 -4.17 -4.50
N ALA A 327 -1.69 -3.22 -4.73
CA ALA A 327 -1.65 -1.96 -4.02
C ALA A 327 -1.92 -0.88 -5.04
N LEU A 328 -2.73 0.10 -4.65
CA LEU A 328 -3.04 1.15 -5.58
C LEU A 328 -2.74 2.43 -4.89
N MET A 329 -1.85 3.19 -5.55
CA MET A 329 -1.33 4.44 -5.03
C MET A 329 -1.83 5.55 -5.91
N ALA A 330 -2.59 6.45 -5.30
CA ALA A 330 -3.19 7.55 -6.00
C ALA A 330 -2.50 8.78 -5.51
N ASP A 331 -1.62 9.35 -6.35
CA ASP A 331 -0.95 10.59 -6.08
C ASP A 331 -1.94 11.73 -6.13
N SER A 332 -1.50 12.94 -5.84
CA SER A 332 -2.38 14.11 -5.71
C SER A 332 -1.58 15.36 -5.40
N THR A 333 -2.13 16.49 -5.81
CA THR A 333 -1.43 17.77 -5.86
C THR A 333 -2.31 18.90 -5.36
N SER A 334 -1.69 19.86 -4.68
CA SER A 334 -2.28 21.17 -4.43
C SER A 334 -2.91 21.75 -5.72
N ARG A 335 -4.20 21.50 -5.91
CA ARG A 335 -4.95 21.94 -7.10
C ARG A 335 -6.45 22.17 -6.75
N TRP A 336 -6.94 23.38 -7.04
CA TRP A 336 -8.36 23.70 -6.81
C TRP A 336 -9.28 23.04 -7.84
N ALA A 337 -10.10 22.11 -7.34
CA ALA A 337 -11.23 21.57 -8.09
C ALA A 337 -12.36 22.56 -7.86
N GLU A 338 -12.98 22.99 -8.96
CA GLU A 338 -13.97 24.08 -8.95
C GLU A 338 -15.40 23.61 -8.63
N ALA A 339 -15.58 23.09 -7.41
CA ALA A 339 -16.89 22.82 -6.85
C ALA A 339 -17.62 24.13 -6.61
N LEU A 340 -16.91 25.09 -6.00
CA LEU A 340 -17.49 26.37 -5.60
C LEU A 340 -17.57 27.35 -6.80
N ARG A 341 -18.02 26.83 -7.93
CA ARG A 341 -18.25 27.64 -9.13
C ARG A 341 -19.74 27.89 -9.28
N GLU A 342 -20.56 26.92 -8.85
CA GLU A 342 -22.03 26.99 -8.99
C GLU A 342 -22.72 27.97 -8.03
N ILE A 343 -23.99 28.28 -8.29
CA ILE A 343 -24.78 29.10 -7.35
C ILE A 343 -26.22 28.61 -7.15
N SER A 344 -26.94 28.34 -8.24
CA SER A 344 -28.35 27.97 -8.16
C SER A 344 -28.75 26.82 -9.09
N GLY A 345 -28.84 25.63 -8.49
CA GLY A 345 -29.13 24.39 -9.19
C GLY A 345 -28.47 23.26 -8.45
N ARG A 346 -28.38 23.42 -7.12
CA ARG A 346 -27.65 22.53 -6.20
C ARG A 346 -26.16 22.42 -6.54
N PRO A 357 -21.99 20.06 -5.19
CA PRO A 357 -21.97 20.20 -3.72
C PRO A 357 -21.01 19.24 -2.97
N ALA A 358 -21.45 18.76 -1.80
CA ALA A 358 -20.77 17.71 -1.02
C ALA A 358 -21.01 16.30 -1.61
N TYR A 359 -21.77 16.28 -2.71
CA TYR A 359 -22.00 15.09 -3.53
C TYR A 359 -20.68 14.42 -3.93
N LEU A 360 -19.62 15.21 -4.03
CA LEU A 360 -18.28 14.74 -4.35
C LEU A 360 -17.66 13.87 -3.25
N ALA A 361 -17.85 14.31 -2.01
CA ALA A 361 -17.40 13.56 -0.86
C ALA A 361 -17.83 12.10 -0.94
N SER A 362 -19.01 11.87 -1.51
CA SER A 362 -19.55 10.52 -1.66
C SER A 362 -19.04 9.86 -2.92
N LYS A 363 -18.74 10.63 -3.96
CA LYS A 363 -18.08 10.03 -5.13
C LYS A 363 -16.74 9.46 -4.67
N LEU A 364 -16.03 10.23 -3.84
CA LEU A 364 -14.77 9.83 -3.19
C LEU A 364 -14.92 8.56 -2.39
N ALA A 365 -15.78 8.61 -1.38
CA ALA A 365 -16.15 7.44 -0.57
C ALA A 365 -16.39 6.22 -1.44
N GLU A 366 -17.30 6.34 -2.40
CA GLU A 366 -17.63 5.25 -3.30
C GLU A 366 -16.36 4.70 -3.98
N PHE A 367 -15.42 5.57 -4.31
CA PHE A 367 -14.09 5.14 -4.78
C PHE A 367 -13.39 4.24 -3.75
N TYR A 368 -13.20 4.76 -2.54
CA TYR A 368 -12.46 4.06 -1.51
C TYR A 368 -13.14 2.77 -1.05
N GLU A 369 -14.45 2.66 -1.21
CA GLU A 369 -15.03 1.38 -0.84
C GLU A 369 -15.13 0.43 -1.98
N ARG A 370 -14.32 0.68 -3.01
CA ARG A 370 -14.07 -0.31 -4.03
C ARG A 370 -12.81 -1.11 -3.64
N ALA A 371 -12.17 -0.69 -2.56
CA ALA A 371 -11.03 -1.42 -2.00
C ALA A 371 -11.57 -2.61 -1.21
N GLY A 372 -10.81 -3.70 -1.14
CA GLY A 372 -11.19 -4.81 -0.31
C GLY A 372 -10.46 -6.09 -0.65
N ARG A 373 -10.33 -6.95 0.35
CA ARG A 373 -9.91 -8.32 0.12
C ARG A 373 -11.22 -9.07 -0.17
N VAL A 374 -11.21 -9.96 -1.15
CA VAL A 374 -12.45 -10.62 -1.57
C VAL A 374 -12.27 -12.07 -1.88
N VAL A 375 -13.36 -12.81 -1.73
CA VAL A 375 -13.45 -14.06 -2.44
C VAL A 375 -13.80 -13.69 -3.91
N THR A 376 -12.97 -14.14 -4.84
CA THR A 376 -13.13 -13.69 -6.21
C THR A 376 -14.19 -14.55 -6.85
N LEU A 377 -14.60 -14.21 -8.07
CA LEU A 377 -15.48 -15.09 -8.81
C LEU A 377 -14.65 -16.31 -9.21
N GLY A 378 -15.30 -17.46 -9.35
CA GLY A 378 -14.64 -18.62 -9.87
C GLY A 378 -15.24 -19.83 -9.20
N SER A 379 -14.92 -20.99 -9.75
CA SER A 379 -15.28 -22.29 -9.20
C SER A 379 -14.47 -22.65 -8.00
N ASP A 380 -13.16 -22.39 -8.08
CA ASP A 380 -12.22 -22.73 -7.01
C ASP A 380 -12.28 -21.61 -5.99
N TYR A 381 -11.96 -21.86 -4.73
CA TYR A 381 -11.95 -20.77 -3.73
C TYR A 381 -10.70 -19.92 -3.96
N ARG A 382 -10.86 -18.61 -4.13
CA ARG A 382 -9.73 -17.80 -4.54
C ARG A 382 -9.84 -16.43 -3.90
N VAL A 383 -8.71 -15.93 -3.41
CA VAL A 383 -8.78 -14.65 -2.73
C VAL A 383 -7.85 -13.68 -3.40
N GLY A 384 -8.28 -12.44 -3.48
CA GLY A 384 -7.42 -11.35 -3.94
C GLY A 384 -7.76 -10.12 -3.12
N SER A 385 -6.95 -9.06 -3.27
CA SER A 385 -7.25 -7.79 -2.60
C SER A 385 -6.81 -6.56 -3.40
N VAL A 386 -7.44 -5.43 -3.06
CA VAL A 386 -6.99 -4.15 -3.51
C VAL A 386 -6.93 -3.29 -2.27
N SER A 387 -5.70 -3.02 -1.85
CA SER A 387 -5.44 -2.07 -0.80
C SER A 387 -5.17 -0.75 -1.49
N VAL A 388 -5.77 0.32 -1.01
CA VAL A 388 -5.58 1.62 -1.59
C VAL A 388 -4.80 2.60 -0.69
N ILE A 389 -3.73 3.17 -1.23
CA ILE A 389 -3.02 4.26 -0.54
C ILE A 389 -3.23 5.54 -1.37
N GLY A 390 -3.76 6.59 -0.75
CA GLY A 390 -4.02 7.84 -1.45
C GLY A 390 -3.32 9.04 -0.89
N ALA A 391 -2.62 9.77 -1.76
CA ALA A 391 -1.97 11.02 -1.36
C ALA A 391 -3.02 12.07 -1.05
N VAL A 392 -2.72 12.94 -0.12
CA VAL A 392 -3.61 13.95 0.33
C VAL A 392 -2.76 15.22 0.34
N SER A 393 -3.17 16.22 -0.43
CA SER A 393 -2.36 17.43 -0.57
C SER A 393 -3.28 18.63 -0.62
N PRO A 394 -3.65 19.17 0.56
CA PRO A 394 -4.60 20.28 0.62
C PRO A 394 -4.06 21.50 -0.13
N PRO A 395 -4.95 22.27 -0.79
CA PRO A 395 -4.46 23.43 -1.55
C PRO A 395 -3.44 24.26 -0.76
N GLY A 396 -3.78 24.63 0.47
CA GLY A 396 -2.89 25.54 1.21
C GLY A 396 -1.73 24.89 1.95
N GLY A 397 -1.57 23.57 1.81
CA GLY A 397 -0.77 22.83 2.78
C GLY A 397 -1.44 23.00 4.14
N ASP A 398 -2.72 23.41 4.10
CA ASP A 398 -3.54 23.68 5.29
C ASP A 398 -3.83 22.45 6.14
N PHE A 399 -4.72 21.58 5.65
CA PHE A 399 -5.10 20.35 6.38
C PHE A 399 -6.36 20.51 7.23
N SER A 400 -7.03 21.64 7.06
CA SER A 400 -8.42 21.79 7.44
C SER A 400 -9.23 21.97 6.16
N GLU A 401 -8.53 21.95 5.02
CA GLU A 401 -9.16 22.02 3.72
C GLU A 401 -10.05 20.80 3.50
N PRO A 402 -11.20 20.97 2.82
CA PRO A 402 -12.17 19.87 2.75
C PRO A 402 -11.54 18.57 2.24
N VAL A 403 -10.50 18.68 1.41
CA VAL A 403 -9.87 17.50 0.81
C VAL A 403 -9.38 16.55 1.88
N VAL A 404 -8.83 17.09 2.96
CA VAL A 404 -8.33 16.23 4.00
C VAL A 404 -9.49 15.72 4.87
N GLN A 405 -10.41 16.60 5.28
CA GLN A 405 -11.60 16.16 6.00
C GLN A 405 -12.30 15.03 5.25
N ASN A 406 -12.55 15.28 3.97
CA ASN A 406 -13.23 14.33 3.12
C ASN A 406 -12.57 12.97 3.07
N THR A 407 -11.25 12.96 2.91
CA THR A 407 -10.50 11.72 2.93
C THR A 407 -10.52 11.04 4.31
N LEU A 408 -10.28 11.81 5.36
CA LEU A 408 -10.17 11.22 6.70
C LEU A 408 -11.51 10.67 7.24
N ARG A 409 -12.59 11.06 6.60
CA ARG A 409 -13.88 10.51 6.95
C ARG A 409 -14.10 9.15 6.30
N VAL A 410 -13.20 8.74 5.43
CA VAL A 410 -13.41 7.49 4.70
C VAL A 410 -12.35 6.46 4.99
N VAL A 411 -11.10 6.89 4.87
CA VAL A 411 -9.97 6.01 5.10
C VAL A 411 -9.89 5.52 6.54
N LYS A 412 -9.36 4.32 6.67
CA LYS A 412 -9.23 3.69 7.97
C LYS A 412 -7.84 3.89 8.57
N VAL A 413 -6.92 4.48 7.80
CA VAL A 413 -5.50 4.64 8.21
C VAL A 413 -4.88 5.99 7.75
N PHE A 414 -4.40 6.78 8.69
CA PHE A 414 -3.65 7.95 8.33
C PHE A 414 -2.18 7.87 8.81
N TRP A 415 -1.26 8.04 7.87
CA TRP A 415 0.15 8.09 8.18
C TRP A 415 0.59 9.53 8.15
N ALA A 416 0.50 10.18 9.30
CA ALA A 416 0.82 11.63 9.46
C ALA A 416 2.28 11.96 9.19
N LEU A 417 2.65 12.10 7.92
CA LEU A 417 3.99 12.58 7.55
C LEU A 417 4.10 13.98 8.08
N ASP A 418 5.25 14.32 8.60
CA ASP A 418 5.34 15.51 9.45
C ASP A 418 6.62 16.26 9.13
N ALA A 419 6.52 17.54 8.78
CA ALA A 419 7.73 18.32 8.49
C ALA A 419 8.63 18.62 9.72
N ASP A 420 8.06 18.58 10.92
CA ASP A 420 8.89 18.74 12.10
C ASP A 420 9.78 17.51 12.31
N LEU A 421 9.29 16.35 11.89
CA LEU A 421 10.08 15.14 12.05
C LEU A 421 11.22 15.12 11.05
N ALA A 422 10.88 15.40 9.79
CA ALA A 422 11.84 15.48 8.70
C ALA A 422 12.96 16.47 8.97
N ARG A 423 12.62 17.66 9.48
CA ARG A 423 13.62 18.64 9.82
C ARG A 423 14.61 18.09 10.83
N ARG A 424 14.09 17.43 11.85
CA ARG A 424 14.90 16.74 12.89
C ARG A 424 15.57 15.44 12.33
N ARG A 425 15.34 15.15 11.06
CA ARG A 425 15.94 14.00 10.42
C ARG A 425 15.57 12.74 11.16
N HIS A 426 14.31 12.68 11.56
CA HIS A 426 13.72 11.52 12.15
C HIS A 426 12.93 10.79 11.08
N PHE A 427 13.41 9.62 10.67
CA PHE A 427 12.99 9.05 9.42
C PHE A 427 12.50 7.65 9.40
N PRO A 428 11.18 7.56 9.29
CA PRO A 428 10.11 7.71 8.34
C PRO A 428 9.46 8.87 9.11
N ALA A 429 9.23 10.02 8.47
CA ALA A 429 8.80 11.19 9.23
C ALA A 429 7.33 11.06 9.68
N ILE A 430 6.95 9.86 10.12
CA ILE A 430 5.58 9.56 10.49
C ILE A 430 5.40 9.88 11.97
N ASN A 431 4.46 10.81 12.24
CA ASN A 431 4.15 11.26 13.61
C ASN A 431 3.43 10.11 14.34
N TRP A 432 4.02 9.60 15.43
CA TRP A 432 3.38 8.50 16.20
C TRP A 432 2.23 8.99 17.05
N LEU A 433 2.06 10.29 17.15
CA LEU A 433 0.97 10.86 17.95
C LEU A 433 -0.24 11.19 17.11
N THR A 434 -0.05 11.67 15.89
CA THR A 434 -1.24 12.08 15.13
C THR A 434 -1.64 11.09 14.03
N SER A 435 -0.98 9.95 13.91
CA SER A 435 -1.37 8.94 12.94
C SER A 435 -2.35 7.99 13.57
N TYR A 436 -3.04 7.19 12.78
CA TYR A 436 -3.95 6.20 13.33
C TYR A 436 -4.18 5.08 12.32
N SER A 437 -4.62 3.93 12.84
CA SER A 437 -5.03 2.82 12.03
C SER A 437 -6.21 2.17 12.72
N LEU A 438 -7.30 1.96 12.01
CA LEU A 438 -8.40 1.27 12.61
C LEU A 438 -8.32 -0.23 12.39
N TYR A 439 -7.15 -0.74 11.98
CA TYR A 439 -6.94 -2.16 11.67
C TYR A 439 -6.09 -2.92 12.69
N VAL A 440 -5.71 -2.26 13.77
CA VAL A 440 -4.87 -2.89 14.77
C VAL A 440 -5.51 -4.17 15.28
N ASP A 441 -6.71 -4.05 15.84
CA ASP A 441 -7.51 -5.22 16.27
C ASP A 441 -7.77 -6.25 15.19
N ALA A 442 -8.07 -5.78 13.96
CA ALA A 442 -8.38 -6.69 12.87
C ALA A 442 -7.18 -7.53 12.47
N VAL A 443 -5.96 -7.03 12.68
CA VAL A 443 -4.81 -7.79 12.25
C VAL A 443 -4.08 -8.52 13.40
N LYS A 444 -4.35 -8.10 14.64
CA LYS A 444 -3.61 -8.66 15.77
C LYS A 444 -3.62 -10.18 15.78
N ASP A 445 -4.77 -10.75 15.39
CA ASP A 445 -4.82 -12.19 15.32
C ASP A 445 -3.83 -12.80 14.36
N TRP A 446 -3.63 -12.19 13.20
CA TRP A 446 -2.62 -12.66 12.24
C TRP A 446 -1.24 -12.70 12.89
N TRP A 447 -0.86 -11.58 13.53
CA TRP A 447 0.45 -11.45 14.23
C TRP A 447 0.62 -12.52 15.30
N HIS A 448 -0.44 -12.67 16.09
CA HIS A 448 -0.45 -13.57 17.22
C HIS A 448 -0.29 -15.02 16.79
N LYS A 449 -0.98 -15.37 15.70
CA LYS A 449 -1.04 -16.75 15.25
C LYS A 449 0.22 -17.11 14.49
N ASN A 450 0.82 -16.13 13.81
CA ASN A 450 1.94 -16.39 12.89
C ASN A 450 3.32 -15.95 13.34
N ILE A 451 3.39 -14.89 14.15
CA ILE A 451 4.66 -14.24 14.45
C ILE A 451 4.92 -14.18 15.93
N ASP A 452 3.99 -13.61 16.69
CA ASP A 452 4.19 -13.46 18.14
C ASP A 452 2.91 -13.26 18.92
N PRO A 453 2.67 -14.13 19.92
CA PRO A 453 1.48 -14.01 20.73
C PRO A 453 1.40 -12.68 21.51
N GLU A 454 2.55 -12.10 21.85
CA GLU A 454 2.62 -10.87 22.62
C GLU A 454 2.53 -9.60 21.77
N TRP A 455 2.32 -9.76 20.44
CA TRP A 455 2.35 -8.64 19.51
C TRP A 455 1.60 -7.38 19.97
N LYS A 456 0.29 -7.54 20.18
CA LYS A 456 -0.59 -6.42 20.47
C LYS A 456 -0.29 -5.84 21.84
N ALA A 457 0.03 -6.72 22.79
CA ALA A 457 0.32 -6.26 24.11
C ALA A 457 1.54 -5.38 23.98
N MET A 458 2.58 -5.90 23.31
CA MET A 458 3.77 -5.14 23.05
C MET A 458 3.51 -3.82 22.33
N ARG A 459 2.75 -3.80 21.21
CA ARG A 459 2.56 -2.47 20.62
C ARG A 459 1.88 -1.50 21.57
N ASP A 460 0.89 -2.01 22.33
CA ASP A 460 0.20 -1.12 23.24
C ASP A 460 1.12 -0.57 24.30
N LYS A 461 1.98 -1.42 24.84
CA LYS A 461 2.91 -0.99 25.87
C LYS A 461 3.91 0.09 25.35
N ALA A 462 4.41 -0.09 24.11
CA ALA A 462 5.30 0.87 23.49
C ALA A 462 4.51 2.14 23.26
N MET A 463 3.32 2.00 22.70
CA MET A 463 2.52 3.22 22.48
C MET A 463 2.28 4.00 23.77
N ALA A 464 1.99 3.30 24.87
CA ALA A 464 1.80 3.92 26.18
C ALA A 464 3.06 4.62 26.63
N LEU A 465 4.22 4.07 26.29
CA LEU A 465 5.43 4.72 26.71
C LEU A 465 5.64 6.01 25.89
N LEU A 466 5.31 5.99 24.60
CA LEU A 466 5.45 7.17 23.77
C LEU A 466 4.43 8.24 24.14
N GLN A 467 3.19 7.84 24.35
CA GLN A 467 2.19 8.69 24.94
C GLN A 467 2.67 9.40 26.24
N LYS A 468 3.23 8.62 27.15
CA LYS A 468 3.72 9.11 28.41
C LYS A 468 4.80 10.09 28.16
N GLU A 469 5.74 9.72 27.29
CA GLU A 469 6.83 10.64 26.97
C GLU A 469 6.32 12.02 26.51
N SER A 470 5.36 12.03 25.58
CA SER A 470 4.64 13.21 25.14
C SER A 470 4.21 14.16 26.26
N GLU A 471 3.53 13.63 27.26
CA GLU A 471 3.15 14.39 28.44
C GLU A 471 4.36 14.90 29.22
N LEU A 472 5.33 14.04 29.51
CA LEU A 472 6.55 14.53 30.16
C LEU A 472 7.21 15.62 29.37
N GLN A 473 7.24 15.49 28.04
CA GLN A 473 7.82 16.51 27.23
C GLN A 473 7.11 17.86 27.40
N GLU A 474 5.77 17.83 27.35
CA GLU A 474 4.94 19.03 27.57
C GLU A 474 5.38 19.74 28.81
N ILE A 475 5.21 19.07 29.96
CA ILE A 475 5.56 19.60 31.27
C ILE A 475 6.97 20.17 31.27
N VAL A 476 7.94 19.41 30.78
CA VAL A 476 9.33 19.88 30.78
C VAL A 476 9.56 21.14 29.94
N ARG A 477 8.86 21.28 28.81
CA ARG A 477 8.92 22.53 28.04
C ARG A 477 8.74 23.75 29.00
N ILE A 478 7.71 23.70 29.83
CA ILE A 478 7.48 24.65 30.91
C ILE A 478 8.61 24.71 31.99
N VAL A 479 8.58 23.80 32.96
CA VAL A 479 9.42 23.86 34.16
C VAL A 479 10.80 23.28 34.10
N GLY A 480 11.28 22.83 32.94
CA GLY A 480 12.66 22.28 32.80
C GLY A 480 12.83 20.82 33.20
N PRO A 481 14.04 20.25 33.00
CA PRO A 481 14.31 18.86 33.42
C PRO A 481 14.92 18.64 34.82
N ASP A 482 15.37 19.68 35.48
CA ASP A 482 16.16 19.53 36.67
C ASP A 482 15.48 18.88 37.84
N ALA A 483 14.15 18.92 37.89
CA ALA A 483 13.44 18.43 39.08
C ALA A 483 12.85 17.03 38.90
N LEU A 484 13.00 16.50 37.71
CA LEU A 484 12.49 15.21 37.32
C LEU A 484 13.08 14.06 38.16
N PRO A 485 12.23 13.20 38.74
CA PRO A 485 12.73 12.04 39.53
C PRO A 485 13.35 10.94 38.66
N GLU A 486 14.23 10.12 39.23
CA GLU A 486 14.92 9.09 38.41
C GLU A 486 13.93 8.25 37.59
N ARG A 487 12.81 7.88 38.17
CA ARG A 487 11.91 7.03 37.43
C ARG A 487 11.39 7.74 36.18
N GLU A 488 11.20 9.02 36.28
CA GLU A 488 10.71 9.81 35.17
C GLU A 488 11.80 10.04 34.10
N ARG A 489 13.04 10.18 34.56
CA ARG A 489 14.18 10.15 33.64
C ARG A 489 14.31 8.79 32.92
N ALA A 490 14.13 7.69 33.66
CA ALA A 490 14.21 6.35 33.07
C ALA A 490 13.22 6.26 31.90
N ILE A 491 12.00 6.78 32.12
CA ILE A 491 10.99 6.71 31.10
C ILE A 491 11.45 7.44 29.84
N LEU A 492 12.02 8.63 30.00
CA LEU A 492 12.55 9.36 28.84
C LEU A 492 13.72 8.64 28.16
N LEU A 493 14.58 8.00 28.96
CA LEU A 493 15.67 7.26 28.40
C LEU A 493 15.12 6.19 27.48
N VAL A 494 14.13 5.45 27.94
CA VAL A 494 13.64 4.29 27.22
C VAL A 494 12.75 4.70 26.05
N ALA A 495 11.92 5.72 26.26
CA ALA A 495 11.12 6.21 25.14
C ALA A 495 12.11 6.70 24.09
N ARG A 496 13.26 7.23 24.52
CA ARG A 496 14.18 7.71 23.54
C ARG A 496 14.75 6.54 22.76
N MET A 497 15.01 5.41 23.45
CA MET A 497 15.48 4.22 22.74
C MET A 497 14.40 3.78 21.75
N LEU A 498 13.18 3.67 22.25
CA LEU A 498 12.08 3.28 21.43
C LEU A 498 12.02 4.14 20.15
N ARG A 499 12.21 5.48 20.29
CA ARG A 499 12.19 6.39 19.12
C ARG A 499 13.39 6.21 18.17
N GLU A 500 14.57 6.00 18.72
CA GLU A 500 15.76 5.93 17.95
C GLU A 500 16.06 4.52 17.46
N ASP A 501 15.85 3.51 18.28
CA ASP A 501 16.19 2.15 17.90
C ASP A 501 15.10 1.42 17.21
N TYR A 502 13.85 1.84 17.39
CA TYR A 502 12.74 1.17 16.71
C TYR A 502 11.97 2.02 15.67
N LEU A 503 11.32 3.08 16.10
CA LEU A 503 10.62 3.97 15.17
C LEU A 503 11.44 4.34 13.96
N GLN A 504 12.61 4.90 14.17
CA GLN A 504 13.51 5.29 13.10
C GLN A 504 14.05 4.11 12.34
N GLN A 505 14.02 4.18 11.01
CA GLN A 505 14.49 3.10 10.13
C GLN A 505 15.24 3.69 8.98
N ASP A 506 16.38 3.11 8.63
CA ASP A 506 17.17 3.63 7.54
C ASP A 506 16.82 2.99 6.23
N ALA A 507 16.09 3.72 5.40
CA ALA A 507 15.58 3.21 4.13
C ALA A 507 16.67 2.98 3.11
N PHE A 508 17.83 3.58 3.32
CA PHE A 508 18.97 3.47 2.42
C PHE A 508 20.00 2.42 2.85
N ASP A 509 19.78 1.76 4.00
CA ASP A 509 20.67 0.71 4.45
C ASP A 509 20.25 -0.56 3.79
N GLU A 510 21.18 -1.37 3.34
CA GLU A 510 20.76 -2.60 2.66
C GLU A 510 20.04 -3.61 3.54
N VAL A 511 20.28 -3.58 4.85
CA VAL A 511 19.55 -4.47 5.79
C VAL A 511 18.32 -3.76 6.34
N ASP A 512 18.48 -2.50 6.73
CA ASP A 512 17.39 -1.84 7.47
C ASP A 512 16.29 -1.28 6.60
N THR A 513 16.52 -1.26 5.30
CA THR A 513 15.49 -0.85 4.34
C THR A 513 14.21 -1.70 4.43
N TYR A 514 14.37 -2.96 4.83
CA TYR A 514 13.24 -3.86 5.04
C TYR A 514 13.36 -4.62 6.38
N CYS A 515 12.30 -4.63 7.14
CA CYS A 515 12.34 -5.29 8.45
C CYS A 515 11.20 -6.33 8.54
N PRO A 516 11.56 -7.63 8.46
CA PRO A 516 10.60 -8.76 8.48
C PRO A 516 9.91 -8.83 9.82
N PRO A 517 8.62 -9.18 9.82
CA PRO A 517 7.80 -9.34 11.04
C PRO A 517 8.60 -9.97 12.20
N GLU A 518 9.18 -11.13 11.93
CA GLU A 518 9.98 -11.84 12.92
C GLU A 518 11.02 -10.94 13.58
N LYS A 519 11.62 -10.03 12.80
CA LYS A 519 12.66 -9.17 13.37
C LYS A 519 12.02 -8.03 14.11
N GLN A 520 10.90 -7.54 13.57
CA GLN A 520 10.20 -6.43 14.22
C GLN A 520 9.86 -6.80 15.66
N VAL A 521 9.21 -7.96 15.85
CA VAL A 521 8.83 -8.40 17.22
C VAL A 521 10.01 -8.71 18.12
N THR A 522 11.10 -9.24 17.55
CA THR A 522 12.23 -9.55 18.42
C THR A 522 12.79 -8.22 18.92
N MET A 523 12.94 -7.28 17.98
CA MET A 523 13.44 -5.96 18.34
C MET A 523 12.58 -5.33 19.39
N MET A 524 11.26 -5.52 19.27
CA MET A 524 10.35 -4.94 20.23
C MET A 524 10.54 -5.63 21.58
N ARG A 525 10.71 -6.96 21.60
CA ARG A 525 10.99 -7.61 22.87
C ARG A 525 12.22 -7.07 23.57
N VAL A 526 13.30 -6.86 22.81
CA VAL A 526 14.55 -6.42 23.39
C VAL A 526 14.30 -5.04 24.02
N LEU A 527 13.58 -4.18 23.33
CA LEU A 527 13.38 -2.86 23.90
C LEU A 527 12.49 -2.91 25.14
N LEU A 528 11.43 -3.72 25.08
CA LEU A 528 10.47 -3.82 26.18
C LEU A 528 11.11 -4.50 27.40
N ASN A 529 11.90 -5.54 27.12
CA ASN A 529 12.61 -6.16 28.18
C ASN A 529 13.55 -5.16 28.82
N PHE A 530 14.13 -4.26 28.01
CA PHE A 530 15.13 -3.35 28.57
C PHE A 530 14.37 -2.44 29.48
N TYR A 531 13.16 -2.13 29.07
CA TYR A 531 12.38 -1.14 29.80
C TYR A 531 11.98 -1.74 31.15
N ASP A 532 11.34 -2.91 31.11
CA ASP A 532 11.06 -3.69 32.32
C ASP A 532 12.26 -3.71 33.24
N LYS A 533 13.44 -3.99 32.70
CA LYS A 533 14.60 -4.11 33.57
C LYS A 533 15.02 -2.76 34.13
N THR A 534 14.94 -1.73 33.30
CA THR A 534 15.26 -0.36 33.72
C THR A 534 14.42 0.07 34.93
N MET A 535 13.10 -0.08 34.83
CA MET A 535 12.22 0.24 35.94
C MET A 535 12.56 -0.56 37.20
N GLU A 536 12.70 -1.87 37.07
CA GLU A 536 13.10 -2.68 38.20
C GLU A 536 14.40 -2.14 38.81
N ALA A 537 15.40 -1.82 37.97
CA ALA A 537 16.67 -1.34 38.48
C ALA A 537 16.49 -0.08 39.34
N ILE A 538 15.77 0.92 38.80
CA ILE A 538 15.50 2.20 39.46
C ILE A 538 14.84 1.90 40.80
N ASN A 539 13.84 1.02 40.75
CA ASN A 539 13.06 0.72 41.93
C ASN A 539 13.91 0.02 42.98
N ARG A 540 14.90 -0.74 42.55
CA ARG A 540 15.86 -1.34 43.48
C ARG A 540 17.03 -0.39 43.78
N GLY A 541 16.86 0.91 43.57
CA GLY A 541 17.93 1.85 43.84
C GLY A 541 19.19 1.90 42.97
N VAL A 542 19.13 1.45 41.72
CA VAL A 542 20.27 1.57 40.76
C VAL A 542 20.23 2.94 40.02
N PRO A 543 21.31 3.73 40.12
CA PRO A 543 21.30 5.01 39.42
C PRO A 543 21.08 4.89 37.91
N LEU A 544 20.25 5.76 37.39
CA LEU A 544 19.95 5.78 36.00
C LEU A 544 21.22 5.94 35.15
N GLU A 545 22.22 6.59 35.72
CA GLU A 545 23.39 6.99 34.95
C GLU A 545 24.20 5.74 34.68
N GLU A 546 24.09 4.81 35.61
CA GLU A 546 24.70 3.53 35.48
C GLU A 546 23.88 2.68 34.46
N ILE A 547 22.57 2.90 34.40
CA ILE A 547 21.77 2.25 33.34
C ILE A 547 22.02 2.83 31.93
N ALA A 548 22.03 4.15 31.81
CA ALA A 548 22.34 4.82 30.56
C ALA A 548 23.67 4.34 29.94
N LYS A 549 24.65 4.01 30.78
CA LYS A 549 25.96 3.56 30.32
C LYS A 549 26.02 2.05 30.08
N LEU A 550 24.94 1.33 30.38
CA LEU A 550 24.98 -0.12 30.27
C LEU A 550 25.45 -0.45 28.85
N PRO A 551 26.46 -1.32 28.73
CA PRO A 551 27.03 -1.51 27.39
C PRO A 551 26.05 -2.13 26.39
N VAL A 552 25.05 -2.88 26.86
CA VAL A 552 24.10 -3.50 25.95
C VAL A 552 23.33 -2.44 25.15
N ARG A 553 23.16 -1.23 25.70
CA ARG A 553 22.54 -0.17 24.92
C ARG A 553 23.14 0.01 23.52
N GLU A 554 24.47 0.00 23.40
CA GLU A 554 25.10 0.24 22.11
C GLU A 554 24.70 -0.85 21.16
N GLU A 555 24.43 -2.03 21.69
CA GLU A 555 24.13 -3.12 20.78
C GLU A 555 22.69 -2.94 20.35
N ILE A 556 21.87 -2.49 21.29
CA ILE A 556 20.45 -2.30 21.07
C ILE A 556 20.23 -1.26 20.01
N GLY A 557 21.03 -0.20 20.00
CA GLY A 557 20.90 0.87 19.04
C GLY A 557 21.40 0.46 17.67
N ARG A 558 22.13 -0.64 17.56
CA ARG A 558 22.56 -1.14 16.26
C ARG A 558 21.77 -2.37 15.74
N MET A 559 20.85 -2.91 16.56
CA MET A 559 20.25 -4.21 16.23
C MET A 559 19.58 -4.15 14.90
N LYS A 560 18.99 -3.00 14.54
CA LYS A 560 18.29 -2.81 13.24
C LYS A 560 19.15 -3.09 12.01
N PHE A 561 20.46 -3.05 12.17
CA PHE A 561 21.37 -3.40 11.08
C PHE A 561 21.80 -4.86 11.08
N GLU A 562 21.21 -5.68 11.93
CA GLU A 562 21.63 -7.04 12.07
C GLU A 562 20.64 -7.95 11.33
N ARG A 563 21.17 -8.88 10.56
CA ARG A 563 20.33 -9.64 9.65
C ARG A 563 19.88 -10.90 10.35
N ASP A 564 20.68 -11.36 11.30
CA ASP A 564 20.43 -12.61 11.99
C ASP A 564 19.53 -12.39 13.21
N VAL A 565 18.24 -12.66 13.03
CA VAL A 565 17.26 -12.35 14.05
C VAL A 565 17.64 -12.98 15.37
N SER A 566 18.29 -14.12 15.35
CA SER A 566 18.55 -14.80 16.61
C SER A 566 19.72 -14.17 17.40
N LYS A 567 20.65 -13.53 16.70
CA LYS A 567 21.67 -12.70 17.35
C LYS A 567 20.98 -11.54 18.02
N ILE A 568 19.93 -11.02 17.37
CA ILE A 568 19.22 -9.87 17.90
C ILE A 568 18.58 -10.35 19.17
N ARG A 569 17.99 -11.55 19.12
CA ARG A 569 17.24 -12.12 20.24
C ARG A 569 18.17 -12.31 21.42
N SER A 570 19.46 -12.50 21.13
CA SER A 570 20.35 -12.89 22.18
C SER A 570 20.59 -11.72 23.12
N LEU A 571 20.29 -10.51 22.64
CA LEU A 571 20.42 -9.27 23.42
C LEU A 571 19.53 -9.30 24.69
N ILE A 572 18.43 -10.04 24.63
CA ILE A 572 17.59 -10.23 25.79
C ILE A 572 18.36 -10.85 26.98
N ASP A 573 19.14 -11.89 26.73
CA ASP A 573 19.94 -12.47 27.80
C ASP A 573 21.15 -11.64 28.20
N LYS A 574 21.67 -10.90 27.24
CA LYS A 574 22.76 -10.01 27.51
C LYS A 574 22.31 -8.90 28.51
N THR A 575 21.19 -8.25 28.19
CA THR A 575 20.59 -7.26 29.06
C THR A 575 20.41 -7.83 30.48
N ASN A 576 19.61 -8.88 30.61
CA ASN A 576 19.44 -9.56 31.89
C ASN A 576 20.76 -9.77 32.62
N GLU A 577 21.75 -10.34 31.95
CA GLU A 577 23.04 -10.52 32.57
C GLU A 577 23.64 -9.20 33.06
N GLN A 578 23.75 -8.22 32.17
CA GLN A 578 24.29 -6.88 32.53
C GLN A 578 23.53 -6.21 33.67
N PHE A 579 22.22 -6.38 33.69
CA PHE A 579 21.41 -5.83 34.76
C PHE A 579 21.64 -6.57 36.05
N GLU A 580 21.69 -7.89 35.96
CA GLU A 580 22.09 -8.74 37.09
C GLU A 580 23.42 -8.32 37.71
N GLU A 581 24.39 -7.95 36.90
CA GLU A 581 25.66 -7.48 37.44
C GLU A 581 25.43 -6.22 38.25
N LEU A 582 24.38 -5.49 37.88
CA LEU A 582 24.12 -4.14 38.35
C LEU A 582 23.41 -4.20 39.68
N PHE A 583 22.51 -5.17 39.82
CA PHE A 583 21.89 -5.54 41.08
C PHE A 583 22.95 -6.00 42.12
N LYS A 584 23.82 -6.91 41.68
CA LYS A 584 25.01 -7.33 42.43
C LYS A 584 25.71 -6.10 43.02
N LYS A 585 26.41 -5.33 42.18
CA LYS A 585 27.06 -4.08 42.61
C LYS A 585 26.31 -3.21 43.64
N TYR A 586 24.99 -3.34 43.73
CA TYR A 586 24.20 -2.49 44.62
C TYR A 586 23.43 -3.30 45.65
N GLY A 587 24.17 -4.07 46.47
CA GLY A 587 23.59 -5.07 47.39
C GLY A 587 22.21 -4.79 47.97
N ALA A 588 21.41 -5.86 48.16
CA ALA A 588 20.04 -5.77 48.73
C ALA A 588 19.98 -5.66 50.28
#